data_4NYC
#
_entry.id   4NYC
#
_cell.length_a   65.122
_cell.length_b   65.122
_cell.length_c   101.975
_cell.angle_alpha   90.000
_cell.angle_beta   90.000
_cell.angle_gamma   120.000
#
_symmetry.space_group_name_H-M   'P 32 1 2'
#
loop_
_entity.id
_entity.type
_entity.pdbx_description
1 polymer 'thiM TPP riboswitch'
2 non-polymer thieno[2,3-b]pyrazin-7-amine
3 non-polymer 'MAGNESIUM ION'
4 non-polymer 'MANGANESE (II) ION'
5 water water
#
_entity_poly.entity_id   1
_entity_poly.type   'polyribonucleotide'
_entity_poly.pdbx_seq_one_letter_code
;GCGACUCGGGGUGCCCUUCUGCGUGAAGGCUGAGAAAUACCCGUAUCACCUGAUCUGGAUAAUGCCAGCGUAGGGAAGUC
GC(A23)
;
_entity_poly.pdbx_strand_id   A
#